data_6TUM
#
_entry.id   6TUM
#
_cell.length_a   87.240
_cell.length_b   96.728
_cell.length_c   50.967
_cell.angle_alpha   90.000
_cell.angle_beta   90.000
_cell.angle_gamma   90.000
#
_symmetry.space_group_name_H-M   'P 21 21 2'
#
loop_
_entity.id
_entity.type
_entity.pdbx_description
1 polymer 'Glutathione S-transferase'
2 non-polymer 'D(-)-TARTARIC ACID'
3 non-polymer 'L(+)-TARTARIC ACID'
4 water water
#
_entity_poly.entity_id   1
_entity_poly.type   'polypeptide(L)'
_entity_poly.pdbx_seq_one_letter_code
;GP(MSE)IDLYTAATPNGHKVSIALEE(MSE)GLPYTVHALSFDKKEQKAPEFLRINPNGRIPAIVDRSNDDFAVFESGA
ILVYLAEKTGQL(MSE)PTDVKGRSRVIQWL(MSE)FQ(MSE)GGVGP(MSE)QGQANVFFRYFPEKLQGAIDRYQHETR
RLYEVLDGRLGEAEYLAGDYSIADIATYPWVRIHDWSGVAVDGLDNLQRWIAALEARPAVQRGLLVPRREKEGDDAIRTA
QS(MSE)LTR
;
_entity_poly.pdbx_strand_id   A,B
#
loop_
_chem_comp.id
_chem_comp.type
_chem_comp.name
_chem_comp.formula
TAR non-polymer 'D(-)-TARTARIC ACID' 'C4 H6 O6'
TLA non-polymer 'L(+)-TARTARIC ACID' 'C4 H6 O6'
#
# COMPACT_ATOMS: atom_id res chain seq x y z
N PRO A 2 8.98 9.62 -27.13
CA PRO A 2 8.31 9.25 -25.87
C PRO A 2 9.16 9.37 -24.60
N MSE A 3 8.43 9.74 -23.56
CA MSE A 3 8.95 10.20 -22.29
C MSE A 3 9.14 9.04 -21.32
O MSE A 3 10.12 8.95 -20.58
CB MSE A 3 7.87 11.13 -21.73
CG MSE A 3 8.15 11.71 -20.39
SE MSE A 3 6.99 13.22 -19.99
CE MSE A 3 7.72 14.57 -21.19
H MSE A 3 7.57 9.72 -23.57
HA MSE A 3 9.81 10.64 -22.40
HB2 MSE A 3 7.04 10.63 -21.68
HB3 MSE A 3 7.76 11.87 -22.36
HG2 MSE A 3 8.00 11.03 -19.71
HG3 MSE A 3 9.07 12.01 -20.35
HE1 MSE A 3 7.17 15.38 -21.13
HE2 MSE A 3 7.71 14.23 -22.09
HE3 MSE A 3 8.63 14.78 -20.91
N ILE A 4 8.14 8.16 -21.34
CA ILE A 4 8.03 7.10 -20.35
C ILE A 4 8.13 5.78 -21.09
N ASP A 5 8.92 4.85 -20.56
CA ASP A 5 8.92 3.47 -21.02
CA ASP A 5 8.91 3.47 -21.02
C ASP A 5 8.15 2.65 -19.99
N LEU A 6 7.04 2.04 -20.41
CA LEU A 6 6.18 1.25 -19.54
C LEU A 6 6.43 -0.24 -19.76
N TYR A 7 6.75 -0.97 -18.68
CA TYR A 7 6.92 -2.42 -18.66
C TYR A 7 5.70 -3.00 -17.98
N THR A 8 4.92 -3.79 -18.70
CA THR A 8 3.58 -4.08 -18.21
C THR A 8 3.05 -5.41 -18.74
N ALA A 9 1.85 -5.74 -18.27
CA ALA A 9 1.09 -6.91 -18.69
C ALA A 9 -0.38 -6.60 -18.48
N ALA A 10 -1.24 -7.42 -19.07
CA ALA A 10 -2.69 -7.19 -19.02
C ALA A 10 -3.24 -7.71 -17.69
N THR A 11 -2.92 -6.98 -16.62
CA THR A 11 -3.40 -7.23 -15.28
C THR A 11 -3.95 -5.94 -14.69
N PRO A 12 -4.76 -6.04 -13.63
CA PRO A 12 -5.26 -4.81 -13.01
C PRO A 12 -4.16 -3.82 -12.65
N ASN A 13 -3.03 -4.31 -12.12
CA ASN A 13 -2.00 -3.39 -11.69
C ASN A 13 -1.31 -2.74 -12.89
N GLY A 14 -1.14 -3.49 -13.98
CA GLY A 14 -0.67 -2.87 -15.21
C GLY A 14 -1.63 -1.83 -15.73
N HIS A 15 -2.94 -2.12 -15.65
CA HIS A 15 -3.93 -1.19 -16.17
C HIS A 15 -4.00 0.11 -15.39
N LYS A 16 -3.71 0.09 -14.08
CA LYS A 16 -3.66 1.35 -13.35
C LYS A 16 -2.74 2.34 -14.06
N VAL A 17 -1.56 1.88 -14.47
CA VAL A 17 -0.54 2.79 -15.00
C VAL A 17 -0.84 3.20 -16.45
N SER A 18 -1.27 2.26 -17.30
CA SER A 18 -1.66 2.67 -18.65
C SER A 18 -2.86 3.61 -18.62
N ILE A 19 -3.83 3.36 -17.75
CA ILE A 19 -4.93 4.32 -17.63
C ILE A 19 -4.40 5.69 -17.22
N ALA A 20 -3.50 5.74 -16.24
CA ALA A 20 -2.98 7.03 -15.79
C ALA A 20 -2.27 7.76 -16.92
N LEU A 21 -1.39 7.07 -17.65
CA LEU A 21 -0.69 7.68 -18.78
C LEU A 21 -1.67 8.21 -19.82
N GLU A 22 -2.72 7.43 -20.12
CA GLU A 22 -3.70 7.89 -21.10
C GLU A 22 -4.47 9.10 -20.61
N GLU A 23 -4.84 9.12 -19.32
CA GLU A 23 -5.50 10.30 -18.75
C GLU A 23 -4.62 11.55 -18.87
N MSE A 24 -3.33 11.42 -18.61
CA MSE A 24 -2.44 12.56 -18.51
C MSE A 24 -1.93 13.03 -19.86
O MSE A 24 -1.39 14.12 -19.98
CB MSE A 24 -1.26 12.24 -17.58
CG MSE A 24 -1.68 12.09 -16.15
SE MSE A 24 -0.27 11.30 -15.14
CE MSE A 24 -1.19 10.98 -13.52
H MSE A 24 -2.93 10.67 -18.48
HA MSE A 24 -2.95 13.29 -18.12
HB2 MSE A 24 -0.86 11.40 -17.87
HB3 MSE A 24 -0.62 12.95 -17.64
HG2 MSE A 24 -1.87 12.97 -15.77
HG3 MSE A 24 -2.46 11.52 -16.09
HE1 MSE A 24 -0.59 10.57 -12.89
HE2 MSE A 24 -1.52 11.82 -13.17
HE3 MSE A 24 -1.94 10.39 -13.70
N GLY A 25 -2.08 12.17 -20.87
CA GLY A 25 -1.67 12.54 -22.21
C GLY A 25 -0.16 12.55 -22.40
N LEU A 26 0.57 11.79 -21.58
CA LEU A 26 2.01 11.70 -21.70
C LEU A 26 2.36 10.64 -22.75
N PRO A 27 3.32 10.91 -23.63
CA PRO A 27 3.73 9.88 -24.58
C PRO A 27 4.51 8.79 -23.87
N TYR A 28 4.31 7.56 -24.30
CA TYR A 28 4.96 6.43 -23.66
C TYR A 28 5.09 5.31 -24.69
N THR A 29 6.06 4.43 -24.43
CA THR A 29 6.23 3.22 -25.20
C THR A 29 5.90 2.03 -24.32
N VAL A 30 5.41 0.95 -24.92
CA VAL A 30 4.98 -0.23 -24.19
C VAL A 30 5.96 -1.37 -24.44
N HIS A 31 6.42 -1.98 -23.35
CA HIS A 31 7.12 -3.25 -23.37
C HIS A 31 6.25 -4.25 -22.60
N ALA A 32 5.64 -5.18 -23.34
CA ALA A 32 4.75 -6.16 -22.74
C ALA A 32 5.58 -7.39 -22.39
N LEU A 33 5.56 -7.78 -21.12
CA LEU A 33 6.39 -8.87 -20.62
C LEU A 33 5.56 -10.13 -20.45
N SER A 34 6.07 -11.24 -20.98
CA SER A 34 5.39 -12.52 -20.90
C SER A 34 5.74 -13.21 -19.59
N PHE A 35 4.72 -13.59 -18.82
CA PHE A 35 4.95 -14.41 -17.65
C PHE A 35 5.41 -15.82 -18.03
N ASP A 36 5.08 -16.29 -19.24
CA ASP A 36 5.50 -17.62 -19.66
C ASP A 36 6.98 -17.65 -19.99
N LYS A 37 7.44 -16.73 -20.85
CA LYS A 37 8.86 -16.64 -21.21
CA LYS A 37 8.87 -16.69 -21.20
C LYS A 37 9.74 -16.21 -20.04
N LYS A 38 9.18 -16.02 -18.85
CA LYS A 38 9.91 -15.58 -17.67
C LYS A 38 10.70 -14.30 -17.94
N GLU A 39 10.02 -13.33 -18.56
CA GLU A 39 10.66 -12.05 -18.85
C GLU A 39 10.78 -11.17 -17.61
N GLN A 40 9.90 -11.38 -16.62
CA GLN A 40 10.02 -10.71 -15.33
C GLN A 40 11.35 -11.01 -14.65
N LYS A 41 11.91 -12.19 -14.91
CA LYS A 41 13.11 -12.64 -14.24
C LYS A 41 14.38 -12.18 -14.95
N ALA A 42 14.25 -11.58 -16.12
CA ALA A 42 15.42 -11.24 -16.90
C ALA A 42 16.28 -10.21 -16.15
N PRO A 43 17.61 -10.36 -16.15
CA PRO A 43 18.43 -9.47 -15.30
C PRO A 43 18.23 -8.00 -15.60
N GLU A 44 18.08 -7.63 -16.88
CA GLU A 44 17.91 -6.21 -17.22
C GLU A 44 16.64 -5.66 -16.58
N PHE A 45 15.60 -6.49 -16.50
CA PHE A 45 14.39 -6.00 -15.88
C PHE A 45 14.55 -5.92 -14.37
N LEU A 46 15.28 -6.85 -13.77
CA LEU A 46 15.53 -6.77 -12.33
C LEU A 46 16.28 -5.50 -11.95
N ARG A 47 16.98 -4.88 -12.89
CA ARG A 47 17.69 -3.61 -12.64
C ARG A 47 16.65 -2.48 -12.53
N ILE A 48 15.47 -2.67 -13.11
CA ILE A 48 14.40 -1.68 -13.04
C ILE A 48 13.52 -1.93 -11.84
N ASN A 49 13.08 -3.18 -11.67
CA ASN A 49 12.30 -3.57 -10.49
C ASN A 49 12.92 -4.82 -9.88
N PRO A 50 13.62 -4.69 -8.75
CA PRO A 50 14.27 -5.88 -8.16
C PRO A 50 13.27 -6.93 -7.70
N ASN A 51 12.00 -6.55 -7.53
CA ASN A 51 10.95 -7.49 -7.14
C ASN A 51 10.52 -8.38 -8.29
N GLY A 52 10.93 -8.06 -9.52
CA GLY A 52 10.58 -8.85 -10.69
C GLY A 52 9.09 -8.90 -11.01
N ARG A 53 8.40 -7.78 -10.84
CA ARG A 53 6.97 -7.69 -11.12
C ARG A 53 6.67 -6.47 -12.00
N ILE A 54 5.53 -6.55 -12.69
CA ILE A 54 5.05 -5.41 -13.45
C ILE A 54 3.97 -4.75 -12.60
N PRO A 55 3.62 -3.49 -12.84
CA PRO A 55 4.25 -2.59 -13.81
C PRO A 55 5.48 -1.90 -13.27
N ALA A 56 6.31 -1.40 -14.18
CA ALA A 56 7.44 -0.56 -13.84
C ALA A 56 7.61 0.44 -14.99
N ILE A 57 8.13 1.61 -14.69
CA ILE A 57 8.44 2.59 -15.72
C ILE A 57 9.90 2.96 -15.61
N VAL A 58 10.45 3.40 -16.74
CA VAL A 58 11.72 4.11 -16.80
C VAL A 58 11.42 5.46 -17.44
N ASP A 59 11.72 6.55 -16.71
CA ASP A 59 11.48 7.90 -17.20
C ASP A 59 12.69 8.36 -18.01
N ARG A 60 12.58 8.27 -19.33
CA ARG A 60 13.65 8.68 -20.22
C ARG A 60 13.87 10.18 -20.17
N SER A 61 12.87 10.96 -19.75
CA SER A 61 13.04 12.40 -19.58
C SER A 61 13.76 12.77 -18.29
N ASN A 62 14.02 11.82 -17.39
CA ASN A 62 14.61 12.11 -16.08
C ASN A 62 15.76 11.15 -15.79
N ASP A 63 16.74 11.15 -16.69
CA ASP A 63 17.95 10.36 -16.50
C ASP A 63 17.65 8.86 -16.37
N ASP A 64 16.64 8.40 -17.11
CA ASP A 64 16.25 7.00 -17.11
C ASP A 64 15.99 6.51 -15.69
N PHE A 65 15.29 7.34 -14.90
CA PHE A 65 14.95 6.99 -13.54
C PHE A 65 13.87 5.92 -13.53
N ALA A 66 14.13 4.84 -12.79
CA ALA A 66 13.17 3.74 -12.62
C ALA A 66 12.20 3.99 -11.47
N VAL A 67 10.95 3.58 -11.69
CA VAL A 67 9.89 3.61 -10.68
C VAL A 67 9.17 2.28 -10.75
N PHE A 68 9.18 1.53 -9.64
CA PHE A 68 8.39 0.33 -9.53
C PHE A 68 7.34 0.54 -8.44
N GLU A 69 6.41 -0.42 -8.37
CA GLU A 69 5.18 -0.37 -7.55
C GLU A 69 4.13 0.51 -8.22
N SER A 70 3.02 -0.10 -8.63
CA SER A 70 1.97 0.63 -9.34
C SER A 70 1.59 1.92 -8.61
N GLY A 71 1.33 1.82 -7.31
CA GLY A 71 0.93 2.99 -6.55
C GLY A 71 1.97 4.09 -6.53
N ALA A 72 3.26 3.71 -6.45
CA ALA A 72 4.31 4.71 -6.50
C ALA A 72 4.45 5.32 -7.88
N ILE A 73 4.19 4.55 -8.93
CA ILE A 73 4.22 5.10 -10.29
C ILE A 73 3.12 6.13 -10.45
N LEU A 74 1.92 5.84 -9.92
CA LEU A 74 0.83 6.80 -10.01
C LEU A 74 1.20 8.12 -9.35
N VAL A 75 1.80 8.06 -8.16
CA VAL A 75 2.21 9.27 -7.44
C VAL A 75 3.26 10.03 -8.25
N TYR A 76 4.29 9.32 -8.72
CA TYR A 76 5.36 9.95 -9.51
C TYR A 76 4.79 10.70 -10.71
N LEU A 77 3.88 10.06 -11.45
CA LEU A 77 3.33 10.68 -12.66
C LEU A 77 2.40 11.85 -12.33
N ALA A 78 1.58 11.70 -11.29
CA ALA A 78 0.72 12.80 -10.86
C ALA A 78 1.55 14.03 -10.51
N GLU A 79 2.62 13.83 -9.76
CA GLU A 79 3.48 14.95 -9.36
C GLU A 79 4.20 15.52 -10.56
N LYS A 80 4.64 14.65 -11.46
CA LYS A 80 5.34 15.10 -12.66
C LYS A 80 4.46 16.01 -13.50
N THR A 81 3.19 15.63 -13.69
CA THR A 81 2.32 16.38 -14.60
C THR A 81 1.45 17.42 -13.90
N GLY A 82 1.33 17.34 -12.58
CA GLY A 82 0.42 18.21 -11.88
C GLY A 82 -1.03 17.83 -12.03
N GLN A 83 -1.31 16.62 -12.49
CA GLN A 83 -2.67 16.19 -12.77
C GLN A 83 -3.06 15.11 -11.77
N LEU A 84 -4.37 15.02 -11.50
CA LEU A 84 -4.99 13.87 -10.82
C LEU A 84 -4.55 13.71 -9.38
N MSE A 85 -4.08 14.78 -8.76
CA MSE A 85 -3.88 14.83 -7.31
C MSE A 85 -3.69 16.30 -6.93
O MSE A 85 -2.85 16.97 -7.53
CB MSE A 85 -2.68 14.01 -6.88
CG MSE A 85 -2.43 14.12 -5.39
SE MSE A 85 -1.17 12.82 -4.81
CE MSE A 85 0.30 13.33 -5.89
H MSE A 85 -3.87 15.51 -9.16
HA MSE A 85 -4.64 14.44 -6.85
HB2 MSE A 85 -2.83 13.08 -7.09
HB3 MSE A 85 -1.89 14.34 -7.35
HG2 MSE A 85 -2.07 15.00 -5.20
HG3 MSE A 85 -3.26 13.99 -4.91
HE1 MSE A 85 1.07 12.79 -5.65
HE2 MSE A 85 0.08 13.18 -6.82
HE3 MSE A 85 0.50 14.26 -5.74
N PRO A 86 -4.49 16.80 -5.98
CA PRO A 86 -4.31 18.20 -5.56
C PRO A 86 -2.95 18.45 -4.94
N THR A 87 -2.56 19.72 -4.92
CA THR A 87 -1.31 20.14 -4.32
C THR A 87 -1.43 20.67 -2.90
N ASP A 88 -2.63 20.96 -2.41
CA ASP A 88 -2.79 21.39 -1.02
C ASP A 88 -2.65 20.20 -0.08
N VAL A 89 -2.35 20.49 1.18
CA VAL A 89 -2.03 19.44 2.15
C VAL A 89 -3.18 18.44 2.28
N LYS A 90 -4.40 18.95 2.48
CA LYS A 90 -5.51 18.04 2.73
C LYS A 90 -5.92 17.30 1.46
N GLY A 91 -5.99 18.01 0.34
CA GLY A 91 -6.38 17.38 -0.90
C GLY A 91 -5.42 16.29 -1.32
N ARG A 92 -4.15 16.65 -1.20
CA ARG A 92 -3.10 15.64 -1.47
CA ARG A 92 -3.09 15.57 -1.52
C ARG A 92 -3.16 14.33 -0.58
N SER A 93 -3.39 14.60 0.71
CA SER A 93 -3.44 13.49 1.66
C SER A 93 -4.66 12.61 1.43
N ARG A 94 -5.82 13.21 1.12
CA ARG A 94 -7.00 12.38 0.83
CA ARG A 94 -6.99 12.38 0.83
C ARG A 94 -6.70 11.40 -0.31
N VAL A 95 -5.99 11.86 -1.37
CA VAL A 95 -5.66 10.95 -2.46
C VAL A 95 -4.73 9.84 -1.97
N ILE A 96 -3.70 10.20 -1.21
CA ILE A 96 -2.74 9.21 -0.73
CA ILE A 96 -2.75 9.20 -0.74
C ILE A 96 -3.43 8.20 0.20
N GLN A 97 -4.34 8.67 1.05
CA GLN A 97 -5.08 7.77 1.94
C GLN A 97 -5.86 6.70 1.15
N TRP A 98 -6.67 7.13 0.17
CA TRP A 98 -7.43 6.16 -0.61
C TRP A 98 -6.54 5.33 -1.51
N LEU A 99 -5.44 5.90 -2.01
CA LEU A 99 -4.48 5.09 -2.77
C LEU A 99 -3.89 3.97 -1.90
N MSE A 100 -3.55 4.28 -0.65
CA MSE A 100 -3.02 3.27 0.25
C MSE A 100 -4.07 2.22 0.62
O MSE A 100 -3.74 1.04 0.82
CB MSE A 100 -2.48 3.94 1.51
CG MSE A 100 -1.27 4.84 1.30
SE MSE A 100 0.18 3.72 0.77
CE MSE A 100 1.57 5.02 0.83
H MSE A 100 -3.62 5.07 -0.32
HA MSE A 100 -2.28 2.82 -0.19
HB2 MSE A 100 -3.17 4.48 1.91
HB3 MSE A 100 -2.22 3.24 2.14
HG2 MSE A 100 -1.46 5.48 0.61
HG3 MSE A 100 -1.05 5.29 2.13
HE1 MSE A 100 2.41 4.59 0.56
HE2 MSE A 100 1.36 5.74 0.22
HE3 MSE A 100 1.66 5.36 1.74
N PHE A 101 -5.33 2.65 0.76
CA PHE A 101 -6.42 1.71 1.00
C PHE A 101 -6.49 0.69 -0.14
N GLN A 102 -6.29 1.15 -1.39
CA GLN A 102 -6.25 0.24 -2.52
C GLN A 102 -5.01 -0.66 -2.45
N MSE A 103 -3.84 -0.08 -2.18
CA MSE A 103 -2.55 -0.78 -2.32
C MSE A 103 -2.37 -1.79 -1.18
O MSE A 103 -1.83 -2.87 -1.38
CB MSE A 103 -1.39 0.23 -2.28
CG MSE A 103 -1.19 1.07 -3.53
SE MSE A 103 -0.67 -0.05 -4.99
CE MSE A 103 1.08 -0.54 -4.36
H MSE A 103 -3.76 0.74 -1.92
HA MSE A 103 -2.53 -1.24 -3.17
HB2 MSE A 103 -1.56 0.85 -1.55
HB3 MSE A 103 -0.57 -0.25 -2.12
HG2 MSE A 103 -2.01 1.52 -3.76
HG3 MSE A 103 -0.48 1.72 -3.37
HE1 MSE A 103 1.53 -1.06 -5.05
HE2 MSE A 103 1.59 0.28 -4.20
HE3 MSE A 103 0.99 -1.06 -3.55
N GLY A 104 -2.88 -1.45 -0.01
CA GLY A 104 -2.75 -2.35 1.15
C GLY A 104 -3.95 -3.22 1.42
N GLY A 105 -5.07 -2.84 0.82
CA GLY A 105 -6.35 -3.49 1.09
C GLY A 105 -6.96 -4.14 -0.14
N VAL A 106 -7.51 -3.32 -1.03
CA VAL A 106 -8.32 -3.87 -2.13
C VAL A 106 -7.48 -4.80 -3.00
N GLY A 107 -6.32 -4.33 -3.44
CA GLY A 107 -5.51 -5.09 -4.36
C GLY A 107 -5.07 -6.42 -3.78
N PRO A 108 -4.44 -6.36 -2.60
CA PRO A 108 -3.98 -7.62 -1.99
C PRO A 108 -5.10 -8.60 -1.69
N MSE A 109 -6.20 -8.12 -1.13
CA MSE A 109 -7.28 -9.02 -0.71
C MSE A 109 -8.04 -9.62 -1.89
O MSE A 109 -8.28 -10.83 -1.95
CB MSE A 109 -8.26 -8.34 0.26
CG MSE A 109 -7.61 -7.92 1.57
SE MSE A 109 -7.05 -9.45 2.56
CE MSE A 109 -5.19 -9.46 2.01
H MSE A 109 -6.35 -7.29 -0.98
HA MSE A 109 -6.86 -9.75 -0.22
HB2 MSE A 109 -8.61 -7.55 -0.17
HB3 MSE A 109 -8.97 -8.96 0.47
HG2 MSE A 109 -6.84 -7.37 1.38
HG3 MSE A 109 -8.25 -7.42 2.10
HE1 MSE A 109 -4.77 -8.64 2.29
HE2 MSE A 109 -4.73 -10.22 2.41
HE3 MSE A 109 -5.15 -9.53 1.03
N GLN A 110 -8.42 -8.78 -2.86
CA GLN A 110 -9.07 -9.31 -4.05
C GLN A 110 -8.12 -10.22 -4.83
N GLY A 111 -6.82 -9.91 -4.84
CA GLY A 111 -5.87 -10.78 -5.49
C GLY A 111 -5.81 -12.14 -4.85
N GLN A 112 -5.88 -12.19 -3.51
CA GLN A 112 -5.89 -13.48 -2.82
C GLN A 112 -7.18 -14.23 -3.11
N ALA A 113 -8.31 -13.52 -3.19
CA ALA A 113 -9.54 -14.14 -3.66
C ALA A 113 -9.34 -14.80 -5.02
N ASN A 114 -8.69 -14.09 -5.96
CA ASN A 114 -8.42 -14.66 -7.28
C ASN A 114 -7.60 -15.94 -7.16
N VAL A 115 -6.58 -15.93 -6.31
CA VAL A 115 -5.73 -17.11 -6.15
C VAL A 115 -6.55 -18.32 -5.76
N PHE A 116 -7.26 -18.24 -4.63
CA PHE A 116 -7.94 -19.43 -4.12
C PHE A 116 -9.20 -19.76 -4.90
N PHE A 117 -9.82 -18.78 -5.54
CA PHE A 117 -11.06 -19.06 -6.28
C PHE A 117 -10.79 -19.57 -7.68
N ARG A 118 -9.68 -19.19 -8.29
CA ARG A 118 -9.46 -19.45 -9.71
C ARG A 118 -8.20 -20.27 -9.99
N TYR A 119 -7.11 -20.06 -9.26
CA TYR A 119 -5.80 -20.58 -9.68
C TYR A 119 -5.16 -21.60 -8.75
N PHE A 120 -5.49 -21.63 -7.48
CA PHE A 120 -4.77 -22.50 -6.55
C PHE A 120 -5.00 -23.97 -6.91
N PRO A 121 -4.03 -24.84 -6.63
CA PRO A 121 -4.21 -26.27 -7.01
C PRO A 121 -5.28 -26.99 -6.22
N GLU A 122 -5.43 -26.70 -4.93
CA GLU A 122 -6.48 -27.30 -4.12
C GLU A 122 -7.61 -26.29 -3.95
N LYS A 123 -8.82 -26.81 -3.81
CA LYS A 123 -9.97 -26.00 -3.47
C LYS A 123 -10.02 -25.88 -1.94
N LEU A 124 -9.72 -24.70 -1.42
CA LEU A 124 -9.72 -24.43 0.02
C LEU A 124 -10.86 -23.45 0.29
N GLN A 125 -12.03 -23.99 0.66
CA GLN A 125 -13.22 -23.16 0.79
C GLN A 125 -13.08 -22.13 1.89
N GLY A 126 -12.38 -22.45 2.98
CA GLY A 126 -12.19 -21.48 4.05
C GLY A 126 -11.39 -20.27 3.58
N ALA A 127 -10.39 -20.50 2.73
CA ALA A 127 -9.58 -19.40 2.19
C ALA A 127 -10.37 -18.60 1.16
N ILE A 128 -11.10 -19.27 0.26
CA ILE A 128 -11.98 -18.57 -0.68
C ILE A 128 -12.92 -17.65 0.07
N ASP A 129 -13.59 -18.18 1.10
CA ASP A 129 -14.56 -17.37 1.84
C ASP A 129 -13.88 -16.19 2.52
N ARG A 130 -12.74 -16.43 3.17
CA ARG A 130 -12.02 -15.35 3.84
C ARG A 130 -11.82 -14.16 2.90
N TYR A 131 -11.30 -14.42 1.70
CA TYR A 131 -10.93 -13.31 0.84
C TYR A 131 -12.10 -12.75 0.04
N GLN A 132 -13.10 -13.58 -0.27
CA GLN A 132 -14.29 -13.01 -0.89
C GLN A 132 -15.05 -12.16 0.12
N HIS A 133 -15.13 -12.60 1.38
CA HIS A 133 -15.80 -11.81 2.40
CA HIS A 133 -15.81 -11.79 2.38
C HIS A 133 -15.08 -10.49 2.65
N GLU A 134 -13.76 -10.54 2.77
CA GLU A 134 -13.02 -9.32 3.02
C GLU A 134 -13.10 -8.38 1.83
N THR A 135 -12.98 -8.91 0.61
CA THR A 135 -13.10 -8.02 -0.55
C THR A 135 -14.46 -7.33 -0.55
N ARG A 136 -15.53 -8.08 -0.32
CA ARG A 136 -16.84 -7.45 -0.24
C ARG A 136 -16.90 -6.40 0.87
N ARG A 137 -16.26 -6.66 2.01
CA ARG A 137 -16.27 -5.68 3.09
C ARG A 137 -15.58 -4.39 2.67
N LEU A 138 -14.45 -4.52 1.98
CA LEU A 138 -13.76 -3.34 1.47
C LEU A 138 -14.62 -2.61 0.44
N TYR A 139 -15.33 -3.36 -0.40
CA TYR A 139 -16.23 -2.71 -1.37
C TYR A 139 -17.30 -1.91 -0.65
N GLU A 140 -17.78 -2.42 0.50
CA GLU A 140 -18.78 -1.66 1.24
C GLU A 140 -18.18 -0.40 1.80
N VAL A 141 -16.91 -0.43 2.21
CA VAL A 141 -16.26 0.81 2.64
C VAL A 141 -16.21 1.80 1.48
N LEU A 142 -15.84 1.33 0.28
CA LEU A 142 -15.82 2.22 -0.88
C LEU A 142 -17.20 2.79 -1.14
N ASP A 143 -18.23 1.96 -1.00
CA ASP A 143 -19.58 2.41 -1.30
C ASP A 143 -20.04 3.47 -0.31
N GLY A 144 -19.68 3.30 0.96
CA GLY A 144 -20.04 4.33 1.94
C GLY A 144 -19.38 5.66 1.64
N ARG A 145 -18.09 5.62 1.31
CA ARG A 145 -17.36 6.84 0.94
C ARG A 145 -17.95 7.49 -0.30
N LEU A 146 -18.32 6.69 -1.30
CA LEU A 146 -18.89 7.24 -2.53
C LEU A 146 -20.32 7.75 -2.35
N GLY A 147 -20.90 7.54 -1.18
CA GLY A 147 -22.14 8.24 -0.89
C GLY A 147 -21.95 9.64 -0.35
N GLU A 148 -20.71 10.00 0.01
CA GLU A 148 -20.40 11.33 0.51
C GLU A 148 -19.48 12.13 -0.39
N ALA A 149 -18.89 11.51 -1.41
CA ALA A 149 -18.06 12.22 -2.38
C ALA A 149 -18.22 11.57 -3.75
N GLU A 150 -18.05 12.38 -4.82
CA GLU A 150 -18.28 11.84 -6.17
C GLU A 150 -17.22 10.80 -6.52
N TYR A 151 -15.98 11.07 -6.16
CA TYR A 151 -14.84 10.18 -6.37
C TYR A 151 -14.18 9.98 -5.03
N LEU A 152 -13.26 9.02 -4.93
CA LEU A 152 -12.83 8.58 -3.60
C LEU A 152 -12.21 9.70 -2.78
N ALA A 153 -11.39 10.56 -3.41
CA ALA A 153 -10.74 11.64 -2.71
C ALA A 153 -11.43 12.98 -2.91
N GLY A 154 -12.64 12.98 -3.45
CA GLY A 154 -13.33 14.20 -3.82
C GLY A 154 -13.42 14.30 -5.33
N ASP A 155 -12.50 15.04 -5.94
CA ASP A 155 -12.41 15.04 -7.38
C ASP A 155 -11.69 13.78 -7.85
N TYR A 156 -11.98 13.38 -9.08
CA TYR A 156 -11.30 12.25 -9.71
C TYR A 156 -9.78 12.37 -9.55
N SER A 157 -9.17 11.24 -9.19
CA SER A 157 -7.74 11.25 -8.90
C SER A 157 -7.12 9.88 -9.17
N ILE A 158 -5.80 9.81 -8.95
CA ILE A 158 -5.08 8.54 -9.09
C ILE A 158 -5.62 7.48 -8.13
N ALA A 159 -6.32 7.88 -7.05
CA ALA A 159 -6.90 6.86 -6.17
C ALA A 159 -8.01 6.09 -6.86
N ASP A 160 -8.79 6.77 -7.71
CA ASP A 160 -9.82 6.05 -8.46
C ASP A 160 -9.20 5.17 -9.52
N ILE A 161 -8.15 5.68 -10.20
CA ILE A 161 -7.47 4.92 -11.23
C ILE A 161 -6.83 3.68 -10.65
N ALA A 162 -6.32 3.77 -9.42
CA ALA A 162 -5.72 2.60 -8.78
C ALA A 162 -6.76 1.54 -8.47
N THR A 163 -7.97 1.98 -8.08
CA THR A 163 -8.97 1.08 -7.53
C THR A 163 -9.84 0.45 -8.61
N TYR A 164 -10.17 1.18 -9.67
CA TYR A 164 -11.12 0.67 -10.66
C TYR A 164 -10.69 -0.62 -11.37
N PRO A 165 -9.44 -0.80 -11.80
CA PRO A 165 -9.10 -2.05 -12.51
C PRO A 165 -9.37 -3.29 -11.66
N TRP A 166 -9.33 -3.15 -10.33
CA TRP A 166 -9.71 -4.25 -9.45
C TRP A 166 -11.23 -4.41 -9.34
N VAL A 167 -11.94 -3.34 -9.01
CA VAL A 167 -13.39 -3.44 -8.90
C VAL A 167 -13.99 -3.95 -10.21
N ARG A 168 -13.44 -3.50 -11.33
CA ARG A 168 -13.93 -3.92 -12.65
CA ARG A 168 -13.93 -3.92 -12.65
C ARG A 168 -14.06 -5.43 -12.79
N ILE A 169 -13.13 -6.18 -12.20
CA ILE A 169 -13.14 -7.64 -12.37
C ILE A 169 -13.73 -8.37 -11.17
N HIS A 170 -14.61 -7.71 -10.44
CA HIS A 170 -15.19 -8.32 -9.24
C HIS A 170 -15.78 -9.70 -9.52
N ASP A 171 -16.42 -9.88 -10.68
CA ASP A 171 -17.06 -11.17 -10.93
C ASP A 171 -16.05 -12.29 -11.11
N TRP A 172 -14.88 -11.99 -11.70
CA TRP A 172 -13.82 -12.97 -11.77
C TRP A 172 -13.40 -13.42 -10.37
N SER A 173 -13.35 -12.48 -9.43
CA SER A 173 -12.99 -12.80 -8.06
C SER A 173 -14.13 -13.47 -7.30
N GLY A 174 -15.33 -13.53 -7.87
CA GLY A 174 -16.45 -14.12 -7.17
C GLY A 174 -17.10 -13.20 -6.15
N VAL A 175 -16.97 -11.89 -6.33
CA VAL A 175 -17.48 -10.90 -5.40
C VAL A 175 -18.52 -10.05 -6.12
N ALA A 176 -19.69 -9.87 -5.51
CA ALA A 176 -20.77 -9.09 -6.11
C ALA A 176 -20.75 -7.66 -5.60
N VAL A 177 -21.35 -6.78 -6.40
CA VAL A 177 -21.55 -5.37 -6.05
C VAL A 177 -23.02 -5.05 -5.80
N ASP A 178 -23.87 -6.07 -5.76
CA ASP A 178 -25.29 -5.88 -5.47
C ASP A 178 -25.47 -5.06 -4.21
N GLY A 179 -26.41 -4.12 -4.26
CA GLY A 179 -26.71 -3.28 -3.11
C GLY A 179 -25.79 -2.09 -2.91
N LEU A 180 -24.70 -1.98 -3.68
CA LEU A 180 -23.72 -0.92 -3.49
C LEU A 180 -23.96 0.10 -4.60
N ASP A 181 -24.98 0.95 -4.39
CA ASP A 181 -25.41 1.83 -5.47
C ASP A 181 -24.41 2.93 -5.76
N ASN A 182 -23.72 3.41 -4.72
CA ASN A 182 -22.70 4.43 -4.94
C ASN A 182 -21.50 3.86 -5.70
N LEU A 183 -21.05 2.67 -5.31
CA LEU A 183 -20.01 1.98 -6.06
C LEU A 183 -20.43 1.75 -7.51
N GLN A 184 -21.67 1.38 -7.75
CA GLN A 184 -22.12 1.12 -9.11
C GLN A 184 -22.14 2.41 -9.93
N ARG A 185 -22.53 3.54 -9.32
CA ARG A 185 -22.47 4.83 -10.02
C ARG A 185 -21.05 5.13 -10.44
N TRP A 186 -20.10 4.94 -9.52
CA TRP A 186 -18.69 5.21 -9.79
C TRP A 186 -18.15 4.28 -10.85
N ILE A 187 -18.53 3.00 -10.80
CA ILE A 187 -18.13 2.05 -11.84
C ILE A 187 -18.57 2.54 -13.20
N ALA A 188 -19.83 2.99 -13.32
CA ALA A 188 -20.31 3.46 -14.61
C ALA A 188 -19.58 4.72 -15.06
N ALA A 189 -19.26 5.62 -14.12
CA ALA A 189 -18.52 6.82 -14.52
C ALA A 189 -17.13 6.46 -15.02
N LEU A 190 -16.44 5.57 -14.30
CA LEU A 190 -15.10 5.17 -14.72
C LEU A 190 -15.15 4.46 -16.06
N GLU A 191 -16.13 3.56 -16.25
CA GLU A 191 -16.17 2.78 -17.49
CA GLU A 191 -16.25 2.79 -17.48
C GLU A 191 -16.36 3.69 -18.70
N ALA A 192 -17.04 4.81 -18.53
CA ALA A 192 -17.34 5.72 -19.64
C ALA A 192 -16.17 6.60 -20.05
N ARG A 193 -15.15 6.71 -19.20
CA ARG A 193 -14.07 7.67 -19.48
C ARG A 193 -13.25 7.16 -20.65
N PRO A 194 -13.07 7.96 -21.70
CA PRO A 194 -12.23 7.52 -22.83
C PRO A 194 -10.86 7.01 -22.43
N ALA A 195 -10.18 7.70 -21.51
CA ALA A 195 -8.82 7.27 -21.13
C ALA A 195 -8.82 5.94 -20.39
N VAL A 196 -9.87 5.66 -19.63
CA VAL A 196 -9.99 4.35 -18.99
C VAL A 196 -10.11 3.27 -20.06
N GLN A 197 -10.98 3.49 -21.05
CA GLN A 197 -11.13 2.55 -22.16
CA GLN A 197 -11.11 2.51 -22.13
C GLN A 197 -9.80 2.36 -22.90
N ARG A 198 -9.10 3.46 -23.20
CA ARG A 198 -7.82 3.31 -23.90
C ARG A 198 -6.81 2.52 -23.07
N GLY A 199 -6.72 2.82 -21.77
CA GLY A 199 -5.70 2.19 -20.95
C GLY A 199 -5.95 0.72 -20.73
N LEU A 200 -7.21 0.31 -20.73
CA LEU A 200 -7.55 -1.09 -20.59
C LEU A 200 -7.11 -1.93 -21.78
N LEU A 201 -6.82 -1.30 -22.93
CA LEU A 201 -6.35 -2.01 -24.12
C LEU A 201 -4.85 -2.21 -24.12
N VAL A 202 -4.14 -1.74 -23.11
CA VAL A 202 -2.68 -1.73 -23.09
C VAL A 202 -2.21 -2.71 -22.03
N PRO A 203 -1.42 -3.75 -22.38
CA PRO A 203 -0.92 -4.10 -23.72
C PRO A 203 -1.94 -4.93 -24.50
N ARG A 204 -1.76 -5.05 -25.81
CA ARG A 204 -2.74 -5.72 -26.67
C ARG A 204 -2.98 -7.17 -26.27
N GLY B 1 -1.00 21.52 24.70
CA GLY B 1 -1.06 20.03 24.58
C GLY B 1 -0.74 19.55 23.19
N PRO B 2 -0.41 18.26 23.05
CA PRO B 2 -0.12 17.71 21.72
C PRO B 2 -1.23 17.98 20.72
N MSE B 3 -0.84 18.26 19.49
CA MSE B 3 -1.84 18.57 18.47
C MSE B 3 -2.14 17.38 17.58
O MSE B 3 -3.03 17.46 16.74
CB MSE B 3 -1.38 19.76 17.62
CG MSE B 3 -1.08 20.97 18.45
SE MSE B 3 -2.67 21.62 19.39
CE MSE B 3 -3.79 22.26 17.94
H MSE B 3 -0.02 18.27 19.21
HA MSE B 3 -2.66 18.83 18.91
HB2 MSE B 3 -0.59 19.52 17.13
HB3 MSE B 3 -2.10 20.00 17.00
HG2 MSE B 3 -0.40 20.75 19.11
HG3 MSE B 3 -0.75 21.69 17.87
HE1 MSE B 3 -4.09 21.50 17.41
HE2 MSE B 3 -4.55 22.72 18.31
HE3 MSE B 3 -3.27 22.86 17.39
N ILE B 4 -1.44 16.28 17.77
CA ILE B 4 -1.73 15.03 17.05
CA ILE B 4 -1.75 15.03 17.06
C ILE B 4 -2.39 14.07 18.04
N ASP B 5 -3.56 13.57 17.69
CA ASP B 5 -4.18 12.47 18.42
CA ASP B 5 -4.19 12.48 18.42
C ASP B 5 -3.97 11.19 17.62
N LEU B 6 -3.43 10.17 18.28
CA LEU B 6 -3.11 8.89 17.67
C LEU B 6 -4.07 7.82 18.18
N TYR B 7 -4.78 7.17 17.26
CA TYR B 7 -5.60 6.01 17.54
C TYR B 7 -4.82 4.78 17.09
N THR B 8 -4.51 3.89 18.02
CA THR B 8 -3.58 2.82 17.69
C THR B 8 -3.84 1.59 18.56
N ALA B 9 -3.02 0.57 18.31
CA ALA B 9 -2.99 -0.69 19.03
C ALA B 9 -1.60 -1.28 18.87
N ALA B 10 -1.32 -2.31 19.67
CA ALA B 10 -0.01 -2.96 19.66
C ALA B 10 0.04 -3.97 18.51
N THR B 11 0.21 -3.42 17.30
CA THR B 11 0.31 -4.20 16.08
C THR B 11 1.44 -3.58 15.25
N PRO B 12 1.99 -4.34 14.30
CA PRO B 12 3.06 -3.75 13.48
C PRO B 12 2.66 -2.46 12.78
N ASN B 13 1.41 -2.37 12.32
CA ASN B 13 0.97 -1.19 11.61
C ASN B 13 0.83 0.00 12.55
N GLY B 14 0.38 -0.23 13.77
CA GLY B 14 0.37 0.86 14.74
C GLY B 14 1.77 1.31 15.10
N HIS B 15 2.69 0.36 15.22
CA HIS B 15 4.06 0.71 15.57
C HIS B 15 4.74 1.54 14.49
N LYS B 16 4.36 1.35 13.23
CA LYS B 16 4.91 2.21 12.20
C LYS B 16 4.73 3.68 12.57
N VAL B 17 3.53 4.03 13.05
CA VAL B 17 3.21 5.44 13.25
C VAL B 17 3.78 5.96 14.56
N SER B 18 3.68 5.20 15.65
CA SER B 18 4.30 5.65 16.89
C SER B 18 5.81 5.80 16.73
N ILE B 19 6.46 4.87 16.05
CA ILE B 19 7.89 5.03 15.78
C ILE B 19 8.15 6.31 15.01
N ALA B 20 7.37 6.57 13.95
CA ALA B 20 7.58 7.79 13.18
C ALA B 20 7.43 9.04 14.04
N LEU B 21 6.37 9.11 14.85
CA LEU B 21 6.19 10.27 15.70
C LEU B 21 7.37 10.45 16.65
N GLU B 22 7.82 9.35 17.23
CA GLU B 22 8.96 9.42 18.13
C GLU B 22 10.23 9.87 17.42
N GLU B 23 10.46 9.38 16.19
CA GLU B 23 11.63 9.78 15.42
C GLU B 23 11.60 11.27 15.12
N MSE B 24 10.42 11.80 14.83
CA MSE B 24 10.29 13.17 14.37
C MSE B 24 10.18 14.16 15.49
O MSE B 24 10.20 15.37 15.27
CB MSE B 24 9.05 13.25 13.48
CG MSE B 24 9.24 12.59 12.14
SE MSE B 24 7.51 12.47 11.33
CE MSE B 24 7.85 11.27 9.91
H MSE B 24 9.67 11.38 14.89
HA MSE B 24 11.07 13.42 13.85
HB2 MSE B 24 8.31 12.82 13.93
HB3 MSE B 24 8.83 14.19 13.32
HG2 MSE B 24 9.84 13.11 11.58
HG3 MSE B 24 9.61 11.70 12.26
HE1 MSE B 24 7.01 11.09 9.45
HE2 MSE B 24 8.49 11.68 9.30
HE3 MSE B 24 8.21 10.45 10.27
N GLY B 25 10.09 13.67 16.73
CA GLY B 25 9.98 14.60 17.83
C GLY B 25 8.66 15.32 17.90
N LEU B 26 7.62 14.72 17.41
CA LEU B 26 6.29 15.32 17.44
C LEU B 26 5.55 14.92 18.72
N PRO B 27 5.02 15.87 19.47
CA PRO B 27 4.12 15.52 20.56
C PRO B 27 2.86 14.86 20.03
N TYR B 28 2.32 13.93 20.83
CA TYR B 28 1.07 13.28 20.44
C TYR B 28 0.40 12.73 21.69
N THR B 29 -0.93 12.64 21.62
CA THR B 29 -1.75 11.98 22.63
C THR B 29 -2.20 10.62 22.10
N VAL B 30 -2.20 9.61 22.97
CA VAL B 30 -2.53 8.25 22.59
C VAL B 30 -3.97 7.91 23.00
N HIS B 31 -4.71 7.32 22.07
CA HIS B 31 -5.98 6.65 22.34
CA HIS B 31 -5.95 6.63 22.40
C HIS B 31 -5.79 5.19 21.95
N ALA B 32 -5.74 4.29 22.94
CA ALA B 32 -5.68 2.85 22.67
C ALA B 32 -7.12 2.40 22.43
N LEU B 33 -7.57 2.58 21.20
CA LEU B 33 -8.96 2.27 20.87
C LEU B 33 -9.30 0.87 21.34
N SER B 34 -10.43 0.73 22.04
CA SER B 34 -10.76 -0.57 22.63
C SER B 34 -11.59 -1.38 21.65
N PHE B 35 -10.93 -2.33 20.98
CA PHE B 35 -11.65 -3.32 20.20
C PHE B 35 -12.44 -4.24 21.10
N ASP B 36 -11.99 -4.45 22.33
CA ASP B 36 -12.75 -5.25 23.29
C ASP B 36 -14.15 -4.67 23.48
N LYS B 37 -14.28 -3.34 23.40
CA LYS B 37 -15.55 -2.66 23.63
CA LYS B 37 -15.55 -2.66 23.63
C LYS B 37 -16.15 -2.12 22.33
N LYS B 38 -15.70 -2.61 21.19
CA LYS B 38 -16.30 -2.29 19.90
C LYS B 38 -16.09 -0.84 19.50
N GLU B 39 -15.09 -0.18 20.07
CA GLU B 39 -14.93 1.25 19.78
C GLU B 39 -14.58 1.49 18.32
N GLN B 40 -13.96 0.52 17.64
CA GLN B 40 -13.62 0.72 16.23
C GLN B 40 -14.82 0.63 15.31
N LYS B 41 -15.94 0.11 15.82
CA LYS B 41 -17.18 0.01 15.09
C LYS B 41 -18.14 1.12 15.45
N ALA B 42 -17.75 2.02 16.33
CA ALA B 42 -18.63 3.11 16.73
C ALA B 42 -18.66 4.22 15.67
N PRO B 43 -19.79 4.89 15.51
CA PRO B 43 -19.86 5.98 14.52
C PRO B 43 -18.76 7.02 14.68
N GLU B 44 -18.40 7.32 15.93
CA GLU B 44 -17.37 8.32 16.19
CA GLU B 44 -17.37 8.33 16.18
C GLU B 44 -16.05 7.95 15.52
N PHE B 45 -15.60 6.71 15.73
CA PHE B 45 -14.32 6.35 15.12
C PHE B 45 -14.43 6.23 13.61
N LEU B 46 -15.58 5.77 13.11
CA LEU B 46 -15.72 5.58 11.68
C LEU B 46 -15.69 6.89 10.90
N ARG B 47 -15.94 8.02 11.55
CA ARG B 47 -15.75 9.31 10.92
C ARG B 47 -14.28 9.67 10.78
N ILE B 48 -13.40 8.97 11.49
CA ILE B 48 -11.96 9.16 11.35
C ILE B 48 -11.40 8.16 10.34
N ASN B 49 -11.74 6.89 10.53
CA ASN B 49 -11.36 5.84 9.58
C ASN B 49 -12.58 5.02 9.21
N PRO B 50 -13.14 5.17 8.00
CA PRO B 50 -14.37 4.42 7.65
C PRO B 50 -14.13 2.92 7.52
N ASN B 51 -12.87 2.50 7.42
CA ASN B 51 -12.50 1.10 7.42
C ASN B 51 -12.52 0.50 8.82
N GLY B 52 -12.61 1.33 9.86
CA GLY B 52 -12.71 0.82 11.21
C GLY B 52 -11.46 0.13 11.72
N ARG B 53 -10.28 0.58 11.31
CA ARG B 53 -9.01 -0.04 11.65
CA ARG B 53 -9.05 -0.05 11.74
C ARG B 53 -8.05 1.03 12.17
N ILE B 54 -7.06 0.57 12.93
CA ILE B 54 -5.97 1.45 13.37
C ILE B 54 -4.77 1.19 12.46
N PRO B 55 -3.78 2.07 12.42
CA PRO B 55 -3.71 3.37 13.09
C PRO B 55 -4.44 4.46 12.31
N ALA B 56 -4.83 5.50 13.03
CA ALA B 56 -5.36 6.72 12.41
C ALA B 56 -4.91 7.88 13.28
N ILE B 57 -4.75 9.05 12.66
CA ILE B 57 -4.45 10.27 13.41
C ILE B 57 -5.50 11.33 13.11
N VAL B 58 -5.66 12.25 14.05
CA VAL B 58 -6.37 13.51 13.86
C VAL B 58 -5.37 14.62 14.16
N ASP B 59 -5.13 15.47 13.17
CA ASP B 59 -4.19 16.59 13.32
C ASP B 59 -4.98 17.81 13.80
N ARG B 60 -4.91 18.09 15.09
CA ARG B 60 -5.65 19.19 15.68
C ARG B 60 -5.08 20.55 15.29
N SER B 61 -3.86 20.60 14.76
CA SER B 61 -3.32 21.84 14.25
C SER B 61 -3.82 22.17 12.86
N ASN B 62 -4.55 21.26 12.23
CA ASN B 62 -4.98 21.38 10.85
C ASN B 62 -6.46 21.09 10.73
N ASP B 63 -7.26 21.80 11.53
CA ASP B 63 -8.72 21.71 11.44
C ASP B 63 -9.22 20.29 11.72
N ASP B 64 -8.57 19.59 12.65
CA ASP B 64 -8.96 18.22 13.02
C ASP B 64 -8.97 17.29 11.80
N PHE B 65 -7.95 17.44 10.96
CA PHE B 65 -7.86 16.65 9.73
C PHE B 65 -7.55 15.19 10.05
N ALA B 66 -8.36 14.27 9.56
CA ALA B 66 -8.13 12.85 9.79
C ALA B 66 -7.26 12.24 8.70
N VAL B 67 -6.37 11.34 9.11
CA VAL B 67 -5.53 10.57 8.19
C VAL B 67 -5.57 9.11 8.62
N PHE B 68 -6.03 8.23 7.74
CA PHE B 68 -6.00 6.80 7.97
C PHE B 68 -5.09 6.16 6.94
N GLU B 69 -4.79 4.88 7.16
CA GLU B 69 -3.76 4.10 6.44
C GLU B 69 -2.35 4.41 6.95
N SER B 70 -1.73 3.42 7.60
CA SER B 70 -0.41 3.65 8.19
C SER B 70 0.53 4.33 7.21
N GLY B 71 0.59 3.83 5.97
CA GLY B 71 1.51 4.42 5.01
C GLY B 71 1.18 5.85 4.63
N ALA B 72 -0.11 6.17 4.54
CA ALA B 72 -0.51 7.55 4.26
C ALA B 72 -0.17 8.46 5.43
N ILE B 73 -0.32 7.97 6.67
CA ILE B 73 0.06 8.75 7.84
C ILE B 73 1.56 9.05 7.82
N LEU B 74 2.38 8.06 7.44
CA LEU B 74 3.82 8.29 7.38
C LEU B 74 4.15 9.39 6.38
N VAL B 75 3.50 9.37 5.21
CA VAL B 75 3.75 10.41 4.21
C VAL B 75 3.30 11.77 4.74
N TYR B 76 2.12 11.82 5.33
CA TYR B 76 1.59 13.06 5.87
C TYR B 76 2.54 13.66 6.90
N LEU B 77 3.04 12.83 7.82
CA LEU B 77 3.90 13.35 8.89
C LEU B 77 5.28 13.74 8.35
N ALA B 78 5.82 12.97 7.41
CA ALA B 78 7.11 13.32 6.83
C ALA B 78 7.02 14.67 6.11
N GLU B 79 5.93 14.88 5.38
CA GLU B 79 5.76 16.14 4.65
C GLU B 79 5.54 17.30 5.61
N LYS B 80 4.77 17.06 6.68
CA LYS B 80 4.54 18.10 7.68
CA LYS B 80 4.54 18.10 7.68
C LYS B 80 5.84 18.58 8.31
N THR B 81 6.76 17.65 8.60
CA THR B 81 7.96 17.97 9.36
C THR B 81 9.18 18.21 8.49
N GLY B 82 9.14 17.83 7.21
CA GLY B 82 10.33 17.87 6.40
C GLY B 82 11.36 16.82 6.74
N GLN B 83 10.99 15.81 7.53
CA GLN B 83 11.92 14.79 7.97
C GLN B 83 11.62 13.45 7.30
N LEU B 84 12.66 12.62 7.18
CA LEU B 84 12.54 11.21 6.88
C LEU B 84 11.99 10.93 5.49
N MSE B 85 12.12 11.89 4.58
CA MSE B 85 11.88 11.68 3.17
C MSE B 85 12.44 12.88 2.40
O MSE B 85 12.08 14.01 2.72
CB MSE B 85 10.38 11.56 2.89
CG MSE B 85 10.11 11.45 1.37
SE MSE B 85 8.33 10.88 1.03
CE MSE B 85 7.42 12.29 1.93
H MSE B 85 12.36 12.70 4.77
HA MSE B 85 12.29 10.85 2.89
HB2 MSE B 85 10.03 10.77 3.31
HB3 MSE B 85 9.93 12.35 3.22
HG2 MSE B 85 10.24 12.32 0.96
HG3 MSE B 85 10.73 10.81 0.99
HE1 MSE B 85 7.69 13.13 1.53
HE2 MSE B 85 6.47 12.17 1.83
HE3 MSE B 85 7.67 12.28 2.87
N PRO B 86 13.30 12.66 1.41
CA PRO B 86 13.86 13.80 0.68
C PRO B 86 12.77 14.56 -0.06
N THR B 87 13.11 15.78 -0.45
CA THR B 87 12.16 16.63 -1.16
C THR B 87 12.39 16.69 -2.66
N ASP B 88 13.52 16.19 -3.15
CA ASP B 88 13.77 16.20 -4.59
C ASP B 88 13.00 15.05 -5.25
N VAL B 89 12.82 15.15 -6.56
CA VAL B 89 11.97 14.20 -7.28
C VAL B 89 12.42 12.76 -7.06
N LYS B 90 13.71 12.47 -7.29
CA LYS B 90 14.14 11.08 -7.23
C LYS B 90 14.19 10.57 -5.80
N GLY B 91 14.72 11.38 -4.88
CA GLY B 91 14.82 10.94 -3.49
C GLY B 91 13.46 10.64 -2.89
N ARG B 92 12.49 11.51 -3.15
CA ARG B 92 11.13 11.31 -2.65
CA ARG B 92 11.17 11.26 -2.60
C ARG B 92 10.53 10.03 -3.24
N SER B 93 10.67 9.85 -4.56
CA SER B 93 10.09 8.69 -5.20
C SER B 93 10.69 7.39 -4.68
N ARG B 94 12.01 7.35 -4.48
CA ARG B 94 12.60 6.12 -3.96
CA ARG B 94 12.62 6.14 -3.94
C ARG B 94 11.96 5.73 -2.63
N VAL B 95 11.66 6.71 -1.77
CA VAL B 95 10.98 6.44 -0.51
C VAL B 95 9.57 5.91 -0.78
N ILE B 96 8.83 6.57 -1.68
CA ILE B 96 7.47 6.13 -1.94
CA ILE B 96 7.47 6.13 -1.94
C ILE B 96 7.48 4.73 -2.55
N GLN B 97 8.46 4.44 -3.42
CA GLN B 97 8.56 3.11 -4.00
C GLN B 97 8.71 2.01 -2.93
N TRP B 98 9.67 2.18 -2.00
CA TRP B 98 9.90 1.14 -0.98
C TRP B 98 8.76 1.13 0.03
N LEU B 99 8.15 2.29 0.27
CA LEU B 99 6.96 2.34 1.11
C LEU B 99 5.83 1.51 0.51
N MSE B 100 5.61 1.64 -0.80
CA MSE B 100 4.59 0.85 -1.48
C MSE B 100 4.90 -0.66 -1.51
O MSE B 100 4.01 -1.50 -1.37
CB MSE B 100 4.39 1.36 -2.90
CG MSE B 100 3.79 2.74 -3.01
SE MSE B 100 2.06 2.74 -2.23
CE MSE B 100 1.57 4.51 -2.74
H MSE B 100 6.06 2.16 -1.32
HA MSE B 100 3.76 0.96 -0.98
HB2 MSE B 100 5.25 1.39 -3.35
HB3 MSE B 100 3.79 0.76 -3.38
HG2 MSE B 100 4.35 3.38 -2.52
HG3 MSE B 100 3.72 3.01 -3.93
HE1 MSE B 100 0.66 4.68 -2.43
HE2 MSE B 100 2.18 5.15 -2.32
HE3 MSE B 100 1.61 4.59 -3.70
N PHE B 101 6.17 -0.98 -1.65
CA PHE B 101 6.59 -2.38 -1.57
C PHE B 101 6.19 -2.97 -0.22
N GLN B 102 6.34 -2.18 0.84
CA GLN B 102 5.89 -2.61 2.17
C GLN B 102 4.38 -2.71 2.23
N MSE B 103 3.68 -1.68 1.77
CA MSE B 103 2.23 -1.61 1.96
C MSE B 103 1.47 -2.63 1.12
O MSE B 103 0.41 -3.11 1.54
CB MSE B 103 1.72 -0.21 1.63
CG MSE B 103 2.10 0.85 2.63
SE MSE B 103 1.13 0.61 4.27
CE MSE B 103 -0.66 0.99 3.72
H MSE B 103 4.02 -1.01 1.34
HA MSE B 103 2.07 -1.81 2.90
HB2 MSE B 103 2.08 0.07 0.76
HB3 MSE B 103 0.74 -0.24 1.58
HG2 MSE B 103 3.04 0.80 2.81
HG3 MSE B 103 1.88 1.73 2.28
HE1 MSE B 103 -1.24 0.97 4.50
HE2 MSE B 103 -0.69 1.87 3.32
HE3 MSE B 103 -0.95 0.32 3.08
N GLY B 104 1.97 -2.92 -0.09
CA GLY B 104 1.31 -3.83 -0.98
C GLY B 104 1.89 -5.22 -0.99
N GLY B 105 3.07 -5.38 -0.42
CA GLY B 105 3.82 -6.63 -0.47
C GLY B 105 4.13 -7.23 0.89
N VAL B 106 5.12 -6.65 1.58
CA VAL B 106 5.55 -7.19 2.88
C VAL B 106 4.39 -7.32 3.86
N GLY B 107 3.67 -6.24 4.12
CA GLY B 107 2.63 -6.26 5.12
C GLY B 107 1.52 -7.24 4.81
N PRO B 108 0.92 -7.13 3.62
CA PRO B 108 -0.15 -8.09 3.26
C PRO B 108 0.30 -9.55 3.28
N MSE B 109 1.44 -9.86 2.68
CA MSE B 109 1.86 -11.25 2.56
C MSE B 109 2.28 -11.82 3.92
O MSE B 109 1.91 -12.92 4.26
CB MSE B 109 2.99 -11.37 1.56
CG MSE B 109 2.59 -10.96 0.15
SE MSE B 109 1.27 -12.15 -0.52
CE MSE B 109 -0.32 -11.09 -0.18
H MSE B 109 1.98 -9.29 2.33
HA MSE B 109 1.12 -11.78 2.24
HB2 MSE B 109 3.73 -10.80 1.84
HB3 MSE B 109 3.29 -12.30 1.53
HG2 MSE B 109 2.22 -10.06 0.17
HG3 MSE B 109 3.36 -10.98 -0.43
HE1 MSE B 109 -1.04 -11.41 -0.74
HE2 MSE B 109 -0.55 -11.17 0.75
HE3 MSE B 109 -0.12 -10.16 -0.39
N GLN B 110 3.05 -11.06 4.69
CA GLN B 110 3.41 -11.56 6.01
C GLN B 110 2.19 -11.62 6.93
N GLY B 111 1.22 -10.73 6.74
CA GLY B 111 -0.01 -10.83 7.52
C GLY B 111 -0.78 -12.10 7.22
N GLN B 112 -0.78 -12.54 5.96
CA GLN B 112 -1.49 -13.76 5.62
C GLN B 112 -0.73 -14.98 6.13
N ALA B 113 0.61 -14.93 6.13
CA ALA B 113 1.36 -15.96 6.85
C ALA B 113 0.91 -16.04 8.32
N ASN B 114 0.76 -14.89 8.98
CA ASN B 114 0.27 -14.89 10.35
C ASN B 114 -1.09 -15.58 10.46
N VAL B 115 -2.01 -15.24 9.56
CA VAL B 115 -3.36 -15.81 9.60
C VAL B 115 -3.30 -17.33 9.53
N PHE B 116 -2.68 -17.86 8.49
CA PHE B 116 -2.72 -19.31 8.31
C PHE B 116 -1.81 -20.06 9.26
N PHE B 117 -0.69 -19.47 9.68
CA PHE B 117 0.24 -20.18 10.56
C PHE B 117 -0.19 -20.14 12.02
N ARG B 118 -0.89 -19.10 12.44
CA ARG B 118 -1.15 -18.85 13.86
C ARG B 118 -2.61 -18.78 14.27
N TYR B 119 -3.51 -18.35 13.39
CA TYR B 119 -4.86 -18.01 13.80
C TYR B 119 -5.96 -18.84 13.15
N PHE B 120 -5.77 -19.32 11.93
CA PHE B 120 -6.87 -19.93 11.20
C PHE B 120 -7.34 -21.20 11.91
N PRO B 121 -8.65 -21.49 11.89
CA PRO B 121 -9.16 -22.62 12.67
C PRO B 121 -8.57 -23.97 12.28
N GLU B 122 -8.23 -24.18 11.01
CA GLU B 122 -7.64 -25.43 10.56
C GLU B 122 -6.29 -25.15 9.93
N LYS B 123 -5.45 -26.17 9.89
CA LYS B 123 -4.10 -26.06 9.33
C LYS B 123 -4.16 -26.36 7.83
N LEU B 124 -3.88 -25.35 7.01
CA LEU B 124 -3.87 -25.47 5.56
C LEU B 124 -2.43 -25.27 5.11
N GLN B 125 -1.68 -26.37 5.02
CA GLN B 125 -0.24 -26.24 4.77
C GLN B 125 0.05 -25.61 3.42
N GLY B 126 -0.83 -25.81 2.43
CA GLY B 126 -0.60 -25.18 1.15
C GLY B 126 -0.65 -23.66 1.25
N ALA B 127 -1.58 -23.13 2.04
CA ALA B 127 -1.66 -21.69 2.25
C ALA B 127 -0.51 -21.20 3.12
N ILE B 128 -0.19 -21.95 4.18
CA ILE B 128 0.93 -21.56 5.04
C ILE B 128 2.19 -21.45 4.21
N ASP B 129 2.46 -22.46 3.39
CA ASP B 129 3.65 -22.46 2.56
C ASP B 129 3.63 -21.29 1.58
N ARG B 130 2.47 -21.04 0.99
CA ARG B 130 2.40 -19.96 -0.01
C ARG B 130 2.88 -18.65 0.59
N TYR B 131 2.36 -18.29 1.76
CA TYR B 131 2.65 -16.98 2.32
C TYR B 131 3.99 -16.95 3.03
N GLN B 132 4.42 -18.05 3.67
CA GLN B 132 5.76 -18.05 4.22
C GLN B 132 6.83 -17.98 3.13
N HIS B 133 6.65 -18.74 2.05
CA HIS B 133 7.60 -18.66 0.93
CA HIS B 133 7.61 -18.66 0.94
C HIS B 133 7.61 -17.27 0.33
N GLU B 134 6.42 -16.68 0.13
CA GLU B 134 6.36 -15.34 -0.47
C GLU B 134 7.01 -14.30 0.45
N THR B 135 6.76 -14.38 1.75
CA THR B 135 7.41 -13.46 2.67
C THR B 135 8.92 -13.59 2.61
N ARG B 136 9.44 -14.82 2.58
CA ARG B 136 10.89 -14.99 2.47
C ARG B 136 11.41 -14.40 1.15
N ARG B 137 10.65 -14.56 0.07
CA ARG B 137 11.08 -14.02 -1.21
C ARG B 137 11.17 -12.50 -1.14
N LEU B 138 10.20 -11.87 -0.49
CA LEU B 138 10.22 -10.42 -0.31
C LEU B 138 11.40 -10.00 0.55
N TYR B 139 11.70 -10.79 1.59
CA TYR B 139 12.85 -10.50 2.45
C TYR B 139 14.15 -10.54 1.66
N GLU B 140 14.25 -11.46 0.72
CA GLU B 140 15.45 -11.56 -0.12
C GLU B 140 15.58 -10.36 -1.06
N VAL B 141 14.45 -9.81 -1.52
CA VAL B 141 14.49 -8.55 -2.29
C VAL B 141 15.04 -7.43 -1.41
N LEU B 142 14.52 -7.31 -0.17
CA LEU B 142 15.04 -6.32 0.76
C LEU B 142 16.53 -6.50 0.99
N ASP B 143 16.97 -7.74 1.21
CA ASP B 143 18.39 -8.01 1.45
C ASP B 143 19.25 -7.56 0.29
N GLY B 144 18.82 -7.83 -0.94
CA GLY B 144 19.63 -7.42 -2.06
C GLY B 144 19.74 -5.91 -2.17
N ARG B 145 18.62 -5.22 -1.98
CA ARG B 145 18.63 -3.77 -1.97
C ARG B 145 19.54 -3.23 -0.89
N LEU B 146 19.52 -3.86 0.30
CA LEU B 146 20.33 -3.39 1.42
C LEU B 146 21.83 -3.71 1.25
N GLY B 147 22.21 -4.36 0.15
CA GLY B 147 23.61 -4.44 -0.20
C GLY B 147 24.07 -3.25 -1.03
N GLU B 148 23.09 -2.57 -1.63
CA GLU B 148 23.37 -1.40 -2.46
C GLU B 148 23.34 -0.10 -1.68
N ALA B 149 22.60 -0.08 -0.57
CA ALA B 149 22.42 1.13 0.21
C ALA B 149 22.18 0.76 1.66
N GLU B 150 22.54 1.69 2.55
CA GLU B 150 22.47 1.41 3.98
C GLU B 150 21.02 1.25 4.44
N TYR B 151 20.10 2.04 3.89
CA TYR B 151 18.67 1.98 4.15
C TYR B 151 17.96 1.89 2.81
N LEU B 152 16.65 1.63 2.84
CA LEU B 152 16.00 1.16 1.63
C LEU B 152 16.02 2.20 0.52
N ALA B 153 15.86 3.49 0.86
CA ALA B 153 15.82 4.58 -0.10
C ALA B 153 17.10 5.38 -0.07
N GLY B 154 18.15 4.84 0.53
CA GLY B 154 19.41 5.53 0.69
C GLY B 154 19.60 5.91 2.13
N ASP B 155 19.28 7.16 2.47
CA ASP B 155 19.25 7.57 3.87
C ASP B 155 18.00 6.98 4.55
N TYR B 156 18.10 6.81 5.86
CA TYR B 156 16.96 6.31 6.65
C TYR B 156 15.72 7.17 6.39
N SER B 157 14.57 6.49 6.26
CA SER B 157 13.35 7.16 5.83
C SER B 157 12.13 6.45 6.39
N ILE B 158 10.95 7.02 6.09
CA ILE B 158 9.70 6.39 6.48
C ILE B 158 9.53 5.02 5.83
N ALA B 159 10.26 4.72 4.74
CA ALA B 159 10.16 3.38 4.15
C ALA B 159 10.73 2.33 5.09
N ASP B 160 11.82 2.66 5.78
CA ASP B 160 12.40 1.71 6.73
C ASP B 160 11.48 1.59 7.93
N ILE B 161 10.91 2.70 8.35
CA ILE B 161 9.99 2.71 9.48
C ILE B 161 8.76 1.86 9.20
N ALA B 162 8.25 1.91 7.97
CA ALA B 162 7.10 1.09 7.64
C ALA B 162 7.42 -0.39 7.63
N THR B 163 8.65 -0.75 7.22
CA THR B 163 9.02 -2.14 7.01
C THR B 163 9.48 -2.85 8.27
N TYR B 164 10.19 -2.14 9.15
CA TYR B 164 10.79 -2.79 10.31
C TYR B 164 9.79 -3.49 11.23
N PRO B 165 8.62 -2.91 11.57
CA PRO B 165 7.76 -3.59 12.54
C PRO B 165 7.28 -4.95 12.06
N TRP B 166 7.21 -5.14 10.75
CA TRP B 166 6.87 -6.45 10.19
C TRP B 166 8.07 -7.38 10.22
N VAL B 167 9.22 -6.93 9.70
CA VAL B 167 10.41 -7.77 9.72
C VAL B 167 10.71 -8.23 11.15
N ARG B 168 10.49 -7.34 12.13
CA ARG B 168 10.83 -7.66 13.52
CA ARG B 168 10.82 -7.65 13.53
C ARG B 168 10.13 -8.92 14.00
N ILE B 169 8.90 -9.17 13.53
CA ILE B 169 8.09 -10.30 14.02
C ILE B 169 8.16 -11.50 13.07
N HIS B 170 9.22 -11.60 12.26
CA HIS B 170 9.34 -12.71 11.31
C HIS B 170 9.12 -14.08 11.95
N ASP B 171 9.64 -14.30 13.16
CA ASP B 171 9.50 -15.64 13.74
C ASP B 171 8.05 -15.96 14.11
N TRP B 172 7.28 -14.97 14.55
CA TRP B 172 5.85 -15.20 14.74
C TRP B 172 5.22 -15.68 13.45
N SER B 173 5.64 -15.13 12.31
CA SER B 173 5.10 -15.54 11.03
C SER B 173 5.70 -16.86 10.55
N GLY B 174 6.71 -17.38 11.24
CA GLY B 174 7.37 -18.59 10.79
C GLY B 174 8.29 -18.38 9.60
N VAL B 175 8.92 -17.22 9.49
CA VAL B 175 9.80 -16.91 8.37
C VAL B 175 11.18 -16.55 8.92
N ALA B 176 12.22 -17.13 8.33
CA ALA B 176 13.57 -16.93 8.81
C ALA B 176 14.22 -15.74 8.10
N VAL B 177 15.13 -15.06 8.79
CA VAL B 177 16.02 -14.08 8.17
C VAL B 177 17.44 -14.58 8.04
N ASP B 178 17.71 -15.81 8.49
CA ASP B 178 19.06 -16.34 8.40
C ASP B 178 19.53 -16.41 6.95
N GLY B 179 20.80 -16.12 6.75
CA GLY B 179 21.38 -16.08 5.42
C GLY B 179 21.31 -14.72 4.75
N LEU B 180 20.53 -13.80 5.30
CA LEU B 180 20.31 -12.47 4.73
C LEU B 180 21.12 -11.45 5.53
N ASP B 181 22.40 -11.34 5.17
CA ASP B 181 23.33 -10.56 5.98
C ASP B 181 22.99 -9.08 5.99
N ASN B 182 22.53 -8.54 4.85
CA ASN B 182 22.25 -7.11 4.81
C ASN B 182 20.98 -6.78 5.58
N LEU B 183 19.95 -7.61 5.41
CA LEU B 183 18.72 -7.43 6.19
C LEU B 183 19.01 -7.53 7.67
N GLN B 184 19.90 -8.47 8.06
CA GLN B 184 20.25 -8.61 9.48
C GLN B 184 20.97 -7.37 9.98
N ARG B 185 21.88 -6.80 9.18
CA ARG B 185 22.50 -5.53 9.56
C ARG B 185 21.44 -4.48 9.83
N TRP B 186 20.50 -4.34 8.90
CA TRP B 186 19.48 -3.32 9.00
C TRP B 186 18.58 -3.55 10.20
N ILE B 187 18.22 -4.81 10.47
CA ILE B 187 17.44 -5.13 11.68
C ILE B 187 18.17 -4.63 12.92
N ALA B 188 19.46 -4.96 13.04
CA ALA B 188 20.22 -4.56 14.22
C ALA B 188 20.31 -3.05 14.34
N ALA B 189 20.45 -2.34 13.21
CA ALA B 189 20.51 -0.88 13.27
C ALA B 189 19.17 -0.29 13.71
N LEU B 190 18.07 -0.77 13.13
CA LEU B 190 16.75 -0.28 13.53
C LEU B 190 16.48 -0.58 15.00
N GLU B 191 16.76 -1.80 15.44
CA GLU B 191 16.40 -2.15 16.82
CA GLU B 191 16.46 -2.20 16.83
C GLU B 191 17.19 -1.32 17.83
N ALA B 192 18.38 -0.84 17.47
CA ALA B 192 19.20 -0.04 18.38
C ALA B 192 18.79 1.44 18.45
N ARG B 193 17.84 1.88 17.63
CA ARG B 193 17.41 3.28 17.64
C ARG B 193 16.51 3.57 18.84
N PRO B 194 16.85 4.56 19.68
CA PRO B 194 15.96 4.89 20.80
C PRO B 194 14.52 5.19 20.38
N ALA B 195 14.32 5.88 19.25
CA ALA B 195 12.96 6.19 18.83
C ALA B 195 12.19 4.94 18.43
N VAL B 196 12.87 3.96 17.83
CA VAL B 196 12.24 2.69 17.52
C VAL B 196 11.84 1.99 18.81
N GLN B 197 12.75 1.93 19.77
CA GLN B 197 12.46 1.33 21.07
CA GLN B 197 12.41 1.27 21.02
C GLN B 197 11.25 1.98 21.73
N ARG B 198 11.20 3.31 21.70
CA ARG B 198 10.08 3.98 22.35
C ARG B 198 8.79 3.70 21.60
N GLY B 199 8.85 3.75 20.27
CA GLY B 199 7.65 3.56 19.47
C GLY B 199 7.04 2.19 19.65
N LEU B 200 7.86 1.18 19.88
CA LEU B 200 7.37 -0.18 20.03
C LEU B 200 6.59 -0.39 21.31
N LEU B 201 6.70 0.53 22.28
CA LEU B 201 5.99 0.40 23.54
C LEU B 201 4.64 1.11 23.55
N VAL B 202 4.25 1.68 22.43
CA VAL B 202 3.01 2.45 22.31
C VAL B 202 1.99 1.60 21.57
N PRO B 203 0.79 1.38 22.11
CA PRO B 203 0.25 1.86 23.39
C PRO B 203 0.72 0.99 24.56
N ARG B 204 0.88 1.60 25.71
CA ARG B 204 1.31 0.95 26.97
C ARG B 204 0.45 -0.26 27.31
N ARG B 205 1.11 -1.39 27.53
CA ARG B 205 0.43 -2.65 27.91
C ARG B 205 0.48 -2.74 29.45
O1 TAR C . 1.24 -2.95 -7.45
O11 TAR C . 2.93 -2.96 -8.80
C1 TAR C . 2.07 -3.60 -8.10
C2 TAR C . 1.98 -5.12 -8.00
O2 TAR C . 1.85 -5.76 -9.25
C3 TAR C . 3.26 -5.66 -7.37
O3 TAR C . 4.32 -5.22 -8.16
C4 TAR C . 3.08 -7.18 -7.36
O4 TAR C . 3.44 -7.83 -6.33
O41 TAR C . 2.58 -7.79 -8.34
H2 TAR C . 1.19 -5.30 -7.47
HO2 TAR C . 2.13 -5.25 -9.87
H3 TAR C . 3.44 -5.37 -6.46
HO3 TAR C . 4.16 -5.38 -8.97
O1 TLA D . -5.42 -3.08 10.56
O11 TLA D . -5.59 -3.40 8.44
C1 TLA D . -5.10 -2.92 9.38
C2 TLA D . -4.04 -1.89 9.22
O2 TLA D . -3.27 -1.62 10.29
C3 TLA D . -4.16 -0.74 8.29
O3 TLA D . -5.45 -0.35 8.27
C4 TLA D . -3.06 0.20 7.96
O4 TLA D . -3.20 1.30 8.43
O41 TLA D . -2.07 -0.20 7.40
H2 TLA D . -3.33 -2.49 8.63
HA TLA D . -3.46 -2.26 10.99
H3 TLA D . -4.14 -1.31 7.35
HB TLA D . -5.55 0.40 7.65
#